data_8RWC
#
_entry.id   8RWC
#
_cell.length_a   39.424
_cell.length_b   179.269
_cell.length_c   139.750
_cell.angle_alpha   90.00
_cell.angle_beta   90.00
_cell.angle_gamma   90.00
#
_symmetry.space_group_name_H-M   'C 2 2 21'
#
loop_
_entity.id
_entity.type
_entity.pdbx_description
1 polymer 'Adenosine receptor A2a,Soluble cytochrome b562'
2 non-polymer 8-[(~{E})-2-[3,4-bis(oxidanyl)phenyl]ethenyl]-1,3-diethyl-7-methyl-purine-2,6-dione
3 non-polymer CHOLESTEROL
4 non-polymer '(2R)-2,3-dihydroxypropyl (9Z)-octadec-9-enoate'
5 non-polymer 'OLEIC ACID'
6 non-polymer 'SODIUM ION'
7 water water
#
_entity_poly.entity_id   1
_entity_poly.type   'polypeptide(L)'
_entity_poly.pdbx_seq_one_letter_code
;MKTIIALSYIFCLVFADYKDDDDGAPPIMGSSVYITVELAIAVLAILGNVLVCWAVWLNSNLQNVTNYFVVSLAAADILV
GVLAIPFAITISTGFCAACHGCLFIACFVLVLAQSSIFSLLAIAIDRYIAIAIPLRYNGLVTGTRAAGIIAICWVLSFAI
GLTPMLGWNNCGQPKEGKAHSQGCGEGQVACLFEDVVPMNYMVYFNFFACVLVPLLLMLGVYLRIFAAARRQLADLEDNW
ETLNDNLKVIEKADNAAQVKDALTKMRAAALDAQKATPPKLEDKSPDSPEMKDFRHGFDILVGQIDDALKLANEGKVKEA
QAAAEQLKTTRNAYIQKYLERARSTLQKEVHAAKSAAIIAGLFALCWLPLHIINCFTFFCPDCSHAPLWLMYLAIVLSHT
NSVVNPFIYAYRIREFRQTFRKIIRSHVLRQQEPFKAAAHHHHHHHHHH
;
_entity_poly.pdbx_strand_id   A
#
loop_
_chem_comp.id
_chem_comp.type
_chem_comp.name
_chem_comp.formula
A1H3I non-polymer 8-[(~{E})-2-[3,4-bis(oxidanyl)phenyl]ethenyl]-1,3-diethyl-7-methyl-purine-2,6-dione 'C18 H20 N4 O4'
CLR non-polymer CHOLESTEROL 'C27 H46 O'
NA non-polymer 'SODIUM ION' 'Na 1'
OLA non-polymer 'OLEIC ACID' 'C18 H34 O2'
OLC non-polymer '(2R)-2,3-dihydroxypropyl (9Z)-octadec-9-enoate' 'C21 H40 O4'
#
# COMPACT_ATOMS: atom_id res chain seq x y z
N ALA A 25 43.76 4.32 -1.83
CA ALA A 25 43.45 4.11 -0.42
C ALA A 25 43.09 2.65 -0.15
N PRO A 26 43.47 2.15 1.03
CA PRO A 26 43.17 0.76 1.38
C PRO A 26 41.68 0.48 1.27
N PRO A 27 41.29 -0.65 0.70
CA PRO A 27 39.86 -0.94 0.53
C PRO A 27 39.09 -1.00 1.85
N ILE A 28 39.77 -1.39 2.93
CA ILE A 28 39.11 -1.63 4.20
C ILE A 28 38.58 -0.35 4.83
N MET A 29 39.06 0.83 4.40
CA MET A 29 38.61 2.07 5.02
C MET A 29 37.20 2.44 4.55
N GLY A 30 37.02 2.65 3.24
CA GLY A 30 35.69 2.88 2.71
C GLY A 30 34.77 1.70 2.95
N SER A 31 35.32 0.49 3.00
CA SER A 31 34.53 -0.68 3.37
C SER A 31 33.99 -0.55 4.79
N SER A 32 34.79 0.00 5.70
CA SER A 32 34.36 0.14 7.09
C SER A 32 33.18 1.09 7.22
N VAL A 33 33.19 2.19 6.47
CA VAL A 33 32.07 3.12 6.49
C VAL A 33 30.81 2.46 5.95
N TYR A 34 30.92 1.79 4.81
CA TYR A 34 29.78 1.10 4.22
C TYR A 34 29.22 0.07 5.18
N ILE A 35 30.09 -0.78 5.74
CA ILE A 35 29.64 -1.84 6.63
C ILE A 35 29.02 -1.28 7.89
N THR A 36 29.63 -0.23 8.47
CA THR A 36 29.08 0.36 9.68
C THR A 36 27.69 0.94 9.43
N VAL A 37 27.51 1.64 8.31
CA VAL A 37 26.20 2.18 7.96
C VAL A 37 25.20 1.05 7.77
N GLU A 38 25.61 -0.04 7.11
CA GLU A 38 24.70 -1.16 6.89
C GLU A 38 24.27 -1.78 8.22
N LEU A 39 25.21 -1.98 9.13
CA LEU A 39 24.86 -2.56 10.43
C LEU A 39 23.90 -1.66 11.20
N ALA A 40 24.13 -0.34 11.14
CA ALA A 40 23.21 0.59 11.79
C ALA A 40 21.80 0.48 11.20
N ILE A 41 21.70 0.37 9.87
CA ILE A 41 20.40 0.22 9.23
C ILE A 41 19.76 -1.11 9.62
N ALA A 42 20.56 -2.18 9.71
CA ALA A 42 20.01 -3.47 10.11
C ALA A 42 19.39 -3.41 11.50
N VAL A 43 20.08 -2.75 12.44
CA VAL A 43 19.55 -2.63 13.80
C VAL A 43 18.23 -1.87 13.80
N LEU A 44 18.15 -0.80 13.03
CA LEU A 44 16.92 -0.01 13.02
C LEU A 44 15.78 -0.74 12.31
N ALA A 45 16.10 -1.51 11.26
CA ALA A 45 15.06 -2.25 10.55
C ALA A 45 14.44 -3.32 11.43
N ILE A 46 15.26 -4.03 12.20
N ILE A 46 15.26 -4.01 12.24
CA ILE A 46 14.76 -5.09 13.08
CA ILE A 46 14.71 -5.09 13.05
C ILE A 46 13.89 -4.49 14.18
C ILE A 46 13.93 -4.55 14.24
N LEU A 47 14.41 -3.47 14.86
CA LEU A 47 13.72 -2.92 16.03
C LEU A 47 12.37 -2.32 15.64
N GLY A 48 12.36 -1.48 14.60
CA GLY A 48 11.11 -0.83 14.23
C GLY A 48 10.05 -1.81 13.77
N ASN A 49 10.45 -2.84 13.04
CA ASN A 49 9.49 -3.76 12.46
C ASN A 49 9.09 -4.88 13.43
N VAL A 50 9.94 -5.23 14.40
CA VAL A 50 9.48 -6.07 15.50
C VAL A 50 8.41 -5.33 16.29
N LEU A 51 8.58 -4.01 16.46
CA LEU A 51 7.57 -3.22 17.14
C LEU A 51 6.24 -3.22 16.38
N VAL A 52 6.31 -3.19 15.06
CA VAL A 52 5.07 -3.27 14.26
C VAL A 52 4.39 -4.62 14.47
N CYS A 53 5.17 -5.71 14.44
CA CYS A 53 4.58 -7.03 14.63
C CYS A 53 4.02 -7.20 16.04
N TRP A 54 4.72 -6.65 17.04
CA TRP A 54 4.23 -6.74 18.41
C TRP A 54 2.95 -5.95 18.60
N ALA A 55 2.83 -4.81 17.92
CA ALA A 55 1.61 -4.01 18.06
C ALA A 55 0.40 -4.73 17.48
N VAL A 56 0.57 -5.40 16.33
CA VAL A 56 -0.55 -6.11 15.72
C VAL A 56 -0.93 -7.33 16.56
N TRP A 57 0.07 -8.02 17.12
CA TRP A 57 -0.21 -9.17 17.96
C TRP A 57 -0.98 -8.78 19.21
N LEU A 58 -0.67 -7.62 19.78
CA LEU A 58 -1.21 -7.24 21.08
C LEU A 58 -2.56 -6.54 20.99
N ASN A 59 -2.78 -5.73 19.96
CA ASN A 59 -3.98 -4.90 19.84
C ASN A 59 -4.94 -5.51 18.84
N SER A 60 -6.14 -5.87 19.31
CA SER A 60 -7.15 -6.43 18.43
C SER A 60 -7.74 -5.39 17.49
N ASN A 61 -7.67 -4.10 17.85
CA ASN A 61 -8.09 -3.06 16.92
C ASN A 61 -7.18 -2.98 15.70
N LEU A 62 -5.98 -3.54 15.79
CA LEU A 62 -5.05 -3.60 14.67
C LEU A 62 -5.08 -4.93 13.95
N GLN A 63 -5.93 -5.87 14.38
CA GLN A 63 -6.00 -7.20 13.78
C GLN A 63 -7.10 -7.20 12.72
N ASN A 64 -6.74 -6.79 11.52
CA ASN A 64 -7.61 -6.86 10.36
C ASN A 64 -6.80 -7.37 9.18
N VAL A 65 -7.49 -7.60 8.05
CA VAL A 65 -6.80 -8.19 6.90
C VAL A 65 -5.72 -7.25 6.38
N THR A 66 -6.02 -5.95 6.32
CA THR A 66 -5.04 -4.98 5.83
C THR A 66 -3.73 -5.08 6.61
N ASN A 67 -3.80 -5.21 7.93
CA ASN A 67 -2.60 -5.27 8.74
C ASN A 67 -1.90 -6.63 8.67
N TYR A 68 -2.58 -7.67 8.22
CA TYR A 68 -1.89 -8.93 8.00
C TYR A 68 -0.90 -8.82 6.85
N PHE A 69 -1.21 -8.01 5.84
CA PHE A 69 -0.23 -7.68 4.81
C PHE A 69 0.83 -6.72 5.33
N VAL A 70 0.45 -5.85 6.27
CA VAL A 70 1.44 -4.98 6.91
C VAL A 70 2.45 -5.80 7.69
N VAL A 71 1.97 -6.85 8.38
CA VAL A 71 2.88 -7.72 9.15
C VAL A 71 3.78 -8.51 8.21
N SER A 72 3.23 -9.04 7.11
CA SER A 72 4.06 -9.71 6.12
C SER A 72 5.11 -8.76 5.56
N LEU A 73 4.71 -7.50 5.32
CA LEU A 73 5.67 -6.49 4.90
C LEU A 73 6.74 -6.26 5.96
N ALA A 74 6.34 -6.22 7.24
CA ALA A 74 7.30 -6.02 8.31
C ALA A 74 8.21 -7.24 8.49
N ALA A 75 7.69 -8.44 8.26
CA ALA A 75 8.54 -9.63 8.35
C ALA A 75 9.64 -9.60 7.29
N ALA A 76 9.29 -9.18 6.08
CA ALA A 76 10.31 -9.07 5.03
C ALA A 76 11.40 -8.09 5.43
N ASP A 77 11.02 -6.97 6.06
CA ASP A 77 12.02 -5.98 6.46
C ASP A 77 12.85 -6.46 7.63
N ILE A 78 12.27 -7.23 8.54
CA ILE A 78 13.05 -7.88 9.59
C ILE A 78 14.12 -8.77 8.96
N LEU A 79 13.75 -9.54 7.93
CA LEU A 79 14.71 -10.40 7.27
C LEU A 79 15.74 -9.62 6.47
N VAL A 80 15.43 -8.39 6.05
CA VAL A 80 16.44 -7.54 5.43
C VAL A 80 17.57 -7.27 6.42
N GLY A 81 17.24 -6.97 7.66
CA GLY A 81 18.26 -6.70 8.65
C GLY A 81 18.98 -7.95 9.11
N VAL A 82 18.24 -9.06 9.23
CA VAL A 82 18.83 -10.28 9.78
C VAL A 82 19.66 -11.01 8.74
N LEU A 83 19.24 -11.00 7.48
CA LEU A 83 19.89 -11.81 6.45
C LEU A 83 20.40 -11.00 5.27
N ALA A 84 19.55 -10.17 4.65
CA ALA A 84 19.95 -9.50 3.42
C ALA A 84 21.12 -8.54 3.65
N ILE A 85 21.14 -7.84 4.78
CA ILE A 85 22.22 -6.88 5.03
C ILE A 85 23.51 -7.62 5.38
N PRO A 86 23.50 -8.64 6.26
CA PRO A 86 24.70 -9.47 6.38
C PRO A 86 25.15 -10.08 5.06
N PHE A 87 24.21 -10.49 4.21
CA PHE A 87 24.58 -11.00 2.89
C PHE A 87 25.22 -9.89 2.05
N ALA A 88 24.66 -8.68 2.12
CA ALA A 88 25.21 -7.57 1.34
C ALA A 88 26.61 -7.20 1.81
N ILE A 89 26.85 -7.24 3.11
CA ILE A 89 28.20 -6.99 3.63
C ILE A 89 29.16 -8.07 3.12
N THR A 90 28.68 -9.32 3.06
CA THR A 90 29.52 -10.42 2.61
C THR A 90 29.86 -10.30 1.14
N ILE A 91 28.85 -10.03 0.29
CA ILE A 91 29.07 -9.96 -1.15
C ILE A 91 30.00 -8.81 -1.53
N SER A 92 30.08 -7.78 -0.70
CA SER A 92 30.91 -6.62 -1.01
C SER A 92 32.40 -6.92 -0.88
N THR A 93 32.77 -7.99 -0.19
CA THR A 93 34.19 -8.30 0.01
C THR A 93 34.81 -9.06 -1.16
N GLY A 94 34.00 -9.67 -2.02
CA GLY A 94 34.55 -10.43 -3.12
C GLY A 94 35.22 -11.72 -2.69
N PHE A 95 34.80 -12.28 -1.55
CA PHE A 95 35.43 -13.48 -1.01
C PHE A 95 35.22 -14.66 -1.94
N CYS A 96 36.14 -15.62 -1.86
CA CYS A 96 36.05 -16.82 -2.69
C CYS A 96 34.91 -17.70 -2.23
N ALA A 97 34.07 -18.14 -3.17
CA ALA A 97 32.94 -19.00 -2.83
C ALA A 97 32.52 -19.75 -4.08
N ALA A 98 31.90 -20.91 -3.86
CA ALA A 98 31.23 -21.62 -4.94
C ALA A 98 30.17 -20.72 -5.56
N CYS A 99 30.11 -20.72 -6.90
CA CYS A 99 29.32 -19.70 -7.59
C CYS A 99 27.85 -19.75 -7.20
N HIS A 100 27.28 -20.95 -7.08
CA HIS A 100 25.86 -21.04 -6.76
C HIS A 100 25.57 -20.65 -5.32
N GLY A 101 26.50 -20.89 -4.40
CA GLY A 101 26.36 -20.34 -3.06
C GLY A 101 26.44 -18.82 -3.07
N CYS A 102 27.33 -18.28 -3.90
CA CYS A 102 27.38 -16.83 -4.09
C CYS A 102 26.08 -16.31 -4.69
N LEU A 103 25.51 -17.07 -5.63
CA LEU A 103 24.26 -16.67 -6.24
C LEU A 103 23.15 -16.51 -5.21
N PHE A 104 23.07 -17.44 -4.25
CA PHE A 104 22.01 -17.39 -3.25
C PHE A 104 22.14 -16.14 -2.37
N ILE A 105 23.36 -15.86 -1.90
CA ILE A 105 23.63 -14.67 -1.09
CA ILE A 105 23.49 -14.68 -1.06
C ILE A 105 23.27 -13.41 -1.87
N ALA A 106 23.54 -13.44 -3.17
CA ALA A 106 23.26 -12.28 -4.01
C ALA A 106 21.76 -12.11 -4.28
N CYS A 107 21.01 -13.20 -4.35
CA CYS A 107 19.63 -13.15 -4.83
C CYS A 107 18.59 -13.11 -3.72
N PHE A 108 18.95 -13.44 -2.48
CA PHE A 108 17.94 -13.55 -1.44
C PHE A 108 17.23 -12.22 -1.21
N VAL A 109 17.94 -11.10 -1.35
CA VAL A 109 17.31 -9.80 -1.18
C VAL A 109 16.22 -9.59 -2.24
N LEU A 110 16.37 -10.21 -3.41
CA LEU A 110 15.34 -10.09 -4.44
C LEU A 110 14.04 -10.78 -4.00
N VAL A 111 14.16 -11.86 -3.22
CA VAL A 111 12.97 -12.52 -2.68
C VAL A 111 12.21 -11.58 -1.74
N LEU A 112 12.95 -10.91 -0.85
CA LEU A 112 12.32 -10.03 0.13
C LEU A 112 11.70 -8.80 -0.55
N ALA A 113 12.37 -8.25 -1.55
CA ALA A 113 11.80 -7.11 -2.26
C ALA A 113 10.54 -7.51 -3.02
N GLN A 114 10.54 -8.71 -3.62
CA GLN A 114 9.35 -9.16 -4.32
C GLN A 114 8.18 -9.38 -3.35
N SER A 115 8.47 -9.98 -2.20
CA SER A 115 7.43 -10.14 -1.18
C SER A 115 6.85 -8.80 -0.78
N SER A 116 7.71 -7.79 -0.61
CA SER A 116 7.24 -6.45 -0.26
C SER A 116 6.31 -5.90 -1.34
N ILE A 117 6.66 -6.12 -2.61
CA ILE A 117 5.84 -5.62 -3.71
C ILE A 117 4.47 -6.28 -3.70
N PHE A 118 4.42 -7.59 -3.43
CA PHE A 118 3.14 -8.28 -3.34
C PHE A 118 2.31 -7.74 -2.18
N SER A 119 2.94 -7.56 -1.01
CA SER A 119 2.20 -7.01 0.14
C SER A 119 1.69 -5.61 -0.15
N LEU A 120 2.51 -4.78 -0.80
CA LEU A 120 2.08 -3.42 -1.11
C LEU A 120 0.92 -3.43 -2.10
N LEU A 121 0.97 -4.30 -3.11
CA LEU A 121 -0.12 -4.39 -4.06
C LEU A 121 -1.39 -4.89 -3.41
N ALA A 122 -1.27 -5.90 -2.53
CA ALA A 122 -2.44 -6.42 -1.84
C ALA A 122 -3.09 -5.38 -0.95
N ILE A 123 -2.28 -4.57 -0.25
CA ILE A 123 -2.81 -3.51 0.58
C ILE A 123 -3.62 -2.53 -0.26
N ALA A 124 -3.06 -2.11 -1.41
CA ALA A 124 -3.77 -1.19 -2.28
C ALA A 124 -5.08 -1.78 -2.77
N ILE A 125 -5.05 -3.04 -3.23
CA ILE A 125 -6.25 -3.70 -3.70
C ILE A 125 -7.26 -3.86 -2.56
N ASP A 126 -6.76 -4.15 -1.36
CA ASP A 126 -7.64 -4.29 -0.20
C ASP A 126 -8.35 -2.98 0.10
N ARG A 127 -7.63 -1.85 0.04
CA ARG A 127 -8.27 -0.57 0.30
C ARG A 127 -9.23 -0.18 -0.81
N TYR A 128 -8.97 -0.63 -2.05
CA TYR A 128 -9.91 -0.35 -3.13
C TYR A 128 -11.20 -1.12 -2.96
N ILE A 129 -11.12 -2.38 -2.54
CA ILE A 129 -12.34 -3.16 -2.27
C ILE A 129 -13.13 -2.53 -1.14
N ALA A 130 -12.43 -1.99 -0.14
CA ALA A 130 -13.11 -1.35 0.98
C ALA A 130 -13.86 -0.10 0.54
N ILE A 131 -13.30 0.67 -0.39
CA ILE A 131 -13.93 1.90 -0.82
C ILE A 131 -14.95 1.69 -1.95
N ALA A 132 -14.78 0.64 -2.76
CA ALA A 132 -15.65 0.45 -3.92
C ALA A 132 -16.85 -0.44 -3.61
N ILE A 133 -16.65 -1.50 -2.84
CA ILE A 133 -17.75 -2.39 -2.48
C ILE A 133 -17.77 -2.65 -0.98
N PRO A 134 -17.95 -1.63 -0.15
CA PRO A 134 -17.94 -1.85 1.31
C PRO A 134 -19.02 -2.80 1.78
N LEU A 135 -20.08 -3.00 1.00
CA LEU A 135 -21.15 -3.91 1.41
C LEU A 135 -20.71 -5.36 1.36
N ARG A 136 -19.77 -5.69 0.47
CA ARG A 136 -19.31 -7.06 0.28
C ARG A 136 -17.87 -7.27 0.75
N TYR A 137 -17.26 -6.27 1.39
CA TYR A 137 -15.86 -6.38 1.78
C TYR A 137 -15.64 -7.49 2.79
N ASN A 138 -16.43 -7.49 3.88
CA ASN A 138 -16.22 -8.47 4.93
C ASN A 138 -16.50 -9.89 4.46
N GLY A 139 -17.38 -10.05 3.46
CA GLY A 139 -17.63 -11.37 2.92
C GLY A 139 -16.63 -11.81 1.88
N LEU A 140 -15.95 -10.86 1.22
CA LEU A 140 -14.96 -11.18 0.21
C LEU A 140 -13.55 -11.27 0.80
N VAL A 141 -13.19 -10.33 1.67
CA VAL A 141 -11.83 -10.21 2.19
C VAL A 141 -11.85 -10.69 3.64
N THR A 142 -11.42 -11.93 3.85
CA THR A 142 -11.40 -12.55 5.17
C THR A 142 -9.98 -12.88 5.58
N GLY A 143 -9.81 -13.18 6.87
CA GLY A 143 -8.48 -13.50 7.36
C GLY A 143 -7.93 -14.79 6.79
N THR A 144 -8.80 -15.78 6.56
CA THR A 144 -8.35 -17.04 5.98
C THR A 144 -7.85 -16.85 4.55
N ARG A 145 -8.59 -16.09 3.75
CA ARG A 145 -8.13 -15.81 2.39
C ARG A 145 -6.88 -14.95 2.38
N ALA A 146 -6.79 -14.02 3.33
CA ALA A 146 -5.60 -13.16 3.41
C ALA A 146 -4.36 -13.99 3.72
N ALA A 147 -4.47 -14.92 4.67
CA ALA A 147 -3.32 -15.74 5.04
C ALA A 147 -2.88 -16.63 3.89
N GLY A 148 -3.81 -17.10 3.07
CA GLY A 148 -3.44 -17.94 1.95
C GLY A 148 -2.78 -17.17 0.83
N ILE A 149 -3.26 -15.94 0.57
CA ILE A 149 -2.61 -15.09 -0.42
C ILE A 149 -1.18 -14.77 0.00
N ILE A 150 -0.99 -14.50 1.30
CA ILE A 150 0.35 -14.19 1.80
C ILE A 150 1.29 -15.38 1.60
N ALA A 151 0.81 -16.58 1.91
CA ALA A 151 1.63 -17.77 1.71
C ALA A 151 1.97 -17.96 0.23
N ILE A 152 0.98 -17.78 -0.65
CA ILE A 152 1.22 -17.91 -2.08
C ILE A 152 2.23 -16.87 -2.56
N CYS A 153 2.08 -15.63 -2.08
CA CYS A 153 2.97 -14.57 -2.53
C CYS A 153 4.41 -14.81 -2.07
N TRP A 154 4.60 -15.41 -0.90
CA TRP A 154 5.95 -15.72 -0.45
C TRP A 154 6.58 -16.80 -1.33
N VAL A 155 5.80 -17.80 -1.72
CA VAL A 155 6.30 -18.85 -2.62
C VAL A 155 6.70 -18.24 -3.96
N LEU A 156 5.83 -17.38 -4.51
CA LEU A 156 6.15 -16.73 -5.78
C LEU A 156 7.35 -15.81 -5.66
N SER A 157 7.53 -15.19 -4.49
CA SER A 157 8.68 -14.31 -4.29
C SER A 157 9.98 -15.10 -4.30
N PHE A 158 9.97 -16.31 -3.73
CA PHE A 158 11.14 -17.18 -3.83
C PHE A 158 11.39 -17.60 -5.27
N ALA A 159 10.33 -17.92 -6.02
CA ALA A 159 10.51 -18.34 -7.40
C ALA A 159 11.04 -17.20 -8.28
N ILE A 160 10.51 -15.98 -8.07
CA ILE A 160 10.97 -14.84 -8.85
C ILE A 160 12.38 -14.44 -8.42
N GLY A 161 12.60 -14.33 -7.11
CA GLY A 161 13.87 -13.84 -6.61
C GLY A 161 15.03 -14.80 -6.84
N LEU A 162 14.75 -16.11 -6.86
CA LEU A 162 15.79 -17.11 -7.04
C LEU A 162 15.79 -17.70 -8.45
N THR A 163 15.09 -17.07 -9.40
CA THR A 163 15.18 -17.49 -10.79
C THR A 163 16.61 -17.63 -11.31
N PRO A 164 17.56 -16.75 -10.98
CA PRO A 164 18.95 -17.01 -11.41
C PRO A 164 19.51 -18.34 -10.97
N MET A 165 19.05 -18.88 -9.84
CA MET A 165 19.52 -20.19 -9.40
CA MET A 165 19.49 -20.19 -9.38
C MET A 165 18.99 -21.33 -10.27
N LEU A 166 18.03 -21.06 -11.15
CA LEU A 166 17.52 -22.07 -12.06
C LEU A 166 18.26 -22.10 -13.39
N GLY A 167 19.35 -21.34 -13.52
CA GLY A 167 20.15 -21.40 -14.73
C GLY A 167 20.45 -20.06 -15.37
N TRP A 168 19.66 -19.04 -15.07
CA TRP A 168 19.85 -17.70 -15.63
C TRP A 168 20.90 -16.97 -14.80
N ASN A 169 22.16 -17.35 -14.99
CA ASN A 169 23.24 -16.78 -14.20
C ASN A 169 24.52 -16.82 -15.02
N ASN A 170 25.58 -16.24 -14.46
CA ASN A 170 26.89 -16.16 -15.12
C ASN A 170 27.88 -17.16 -14.55
N CYS A 171 27.41 -18.19 -13.85
CA CYS A 171 28.32 -19.18 -13.29
C CYS A 171 29.02 -19.99 -14.38
N GLY A 172 28.39 -20.12 -15.55
CA GLY A 172 29.02 -20.81 -16.66
C GLY A 172 30.21 -20.09 -17.26
N GLN A 173 30.35 -18.79 -16.97
CA GLN A 173 31.45 -17.98 -17.50
C GLN A 173 32.08 -17.17 -16.38
N PRO A 174 32.82 -17.83 -15.49
CA PRO A 174 33.45 -17.11 -14.37
C PRO A 174 34.67 -16.32 -14.82
N LYS A 175 34.92 -15.23 -14.10
CA LYS A 175 36.12 -14.42 -14.29
C LYS A 175 37.28 -15.14 -13.61
N GLU A 176 37.96 -16.00 -14.35
CA GLU A 176 39.02 -16.83 -13.76
C GLU A 176 40.24 -15.99 -13.38
N GLY A 177 40.47 -14.87 -14.06
CA GLY A 177 41.56 -14.00 -13.67
C GLY A 177 41.32 -13.35 -12.31
N LYS A 178 40.07 -12.92 -12.07
CA LYS A 178 39.75 -12.38 -10.75
C LYS A 178 39.79 -13.46 -9.69
N ALA A 179 39.36 -14.69 -10.03
CA ALA A 179 39.38 -15.77 -9.07
C ALA A 179 40.81 -16.20 -8.74
N HIS A 180 41.69 -16.26 -9.74
CA HIS A 180 43.07 -16.66 -9.50
C HIS A 180 43.82 -15.61 -8.70
N SER A 181 43.57 -14.32 -9.00
CA SER A 181 44.24 -13.26 -8.25
C SER A 181 43.84 -13.27 -6.79
N GLN A 182 42.61 -13.66 -6.47
CA GLN A 182 42.16 -13.79 -5.10
C GLN A 182 42.51 -15.12 -4.47
N GLY A 183 43.21 -15.99 -5.20
CA GLY A 183 43.57 -17.28 -4.66
C GLY A 183 42.42 -18.24 -4.49
N CYS A 184 41.32 -18.03 -5.22
CA CYS A 184 40.17 -18.91 -5.09
C CYS A 184 40.51 -20.32 -5.58
N GLY A 185 39.86 -21.30 -4.96
CA GLY A 185 40.05 -22.68 -5.36
C GLY A 185 39.27 -23.02 -6.61
N GLU A 186 39.40 -24.29 -7.01
CA GLU A 186 38.70 -24.78 -8.20
C GLU A 186 37.19 -24.74 -7.97
N GLY A 187 36.46 -24.30 -9.00
CA GLY A 187 35.02 -24.18 -8.90
C GLY A 187 34.54 -22.97 -8.13
N GLN A 188 35.43 -22.13 -7.62
CA GLN A 188 35.06 -20.95 -6.86
C GLN A 188 35.25 -19.69 -7.69
N VAL A 189 34.53 -18.64 -7.30
CA VAL A 189 34.63 -17.35 -7.93
C VAL A 189 34.79 -16.29 -6.84
N ALA A 190 35.37 -15.15 -7.22
CA ALA A 190 35.28 -13.97 -6.39
C ALA A 190 33.82 -13.57 -6.31
N CYS A 191 33.22 -13.66 -5.11
CA CYS A 191 31.78 -13.52 -4.95
C CYS A 191 31.40 -12.05 -5.04
N LEU A 192 30.95 -11.63 -6.23
CA LEU A 192 30.51 -10.26 -6.47
C LEU A 192 29.17 -10.28 -7.19
N PHE A 193 28.30 -9.32 -6.84
CA PHE A 193 26.93 -9.33 -7.34
C PHE A 193 26.89 -9.31 -8.86
N GLU A 194 27.53 -8.31 -9.46
CA GLU A 194 27.44 -8.15 -10.91
C GLU A 194 28.25 -9.20 -11.67
N ASP A 195 29.03 -10.03 -10.98
CA ASP A 195 29.73 -11.12 -11.64
C ASP A 195 28.91 -12.40 -11.72
N VAL A 196 27.91 -12.57 -10.85
CA VAL A 196 27.12 -13.77 -10.84
C VAL A 196 25.68 -13.56 -11.31
N VAL A 197 25.08 -12.40 -11.04
CA VAL A 197 23.70 -12.13 -11.42
C VAL A 197 23.71 -11.41 -12.77
N PRO A 198 23.03 -11.94 -13.79
CA PRO A 198 23.05 -11.26 -15.10
C PRO A 198 22.30 -9.95 -15.06
N MET A 199 22.83 -8.97 -15.80
CA MET A 199 22.20 -7.65 -15.80
C MET A 199 20.91 -7.65 -16.61
N ASN A 200 20.81 -8.51 -17.63
CA ASN A 200 19.55 -8.57 -18.37
C ASN A 200 18.43 -9.16 -17.52
N TYR A 201 18.76 -10.06 -16.59
CA TYR A 201 17.77 -10.48 -15.61
C TYR A 201 17.37 -9.32 -14.70
N MET A 202 18.37 -8.58 -14.21
CA MET A 202 18.10 -7.51 -13.26
C MET A 202 17.28 -6.37 -13.88
N VAL A 203 17.50 -6.08 -15.17
CA VAL A 203 16.82 -4.97 -15.82
C VAL A 203 15.47 -5.41 -16.39
N TYR A 204 15.49 -6.41 -17.29
CA TYR A 204 14.26 -6.82 -17.97
C TYR A 204 13.32 -7.59 -17.06
N PHE A 205 13.83 -8.61 -16.37
CA PHE A 205 12.97 -9.52 -15.62
C PHE A 205 12.63 -8.94 -14.25
N ASN A 206 13.64 -8.57 -13.47
CA ASN A 206 13.38 -8.13 -12.11
C ASN A 206 12.82 -6.71 -12.07
N PHE A 207 13.51 -5.75 -12.71
CA PHE A 207 13.09 -4.36 -12.62
C PHE A 207 11.81 -4.10 -13.43
N PHE A 208 11.88 -4.30 -14.74
CA PHE A 208 10.76 -3.94 -15.61
C PHE A 208 9.52 -4.76 -15.29
N ALA A 209 9.65 -6.09 -15.36
CA ALA A 209 8.49 -6.96 -15.24
C ALA A 209 8.01 -7.10 -13.80
N CYS A 210 8.93 -7.30 -12.86
CA CYS A 210 8.54 -7.70 -11.51
C CYS A 210 8.51 -6.56 -10.50
N VAL A 211 9.10 -5.41 -10.83
CA VAL A 211 9.08 -4.24 -9.95
C VAL A 211 8.29 -3.10 -10.58
N LEU A 212 8.68 -2.68 -11.78
CA LEU A 212 8.10 -1.49 -12.39
C LEU A 212 6.62 -1.70 -12.73
N VAL A 213 6.28 -2.83 -13.35
CA VAL A 213 4.88 -3.08 -13.72
C VAL A 213 3.98 -3.15 -12.48
N PRO A 214 4.32 -3.90 -11.42
CA PRO A 214 3.45 -3.87 -10.23
C PRO A 214 3.32 -2.48 -9.60
N LEU A 215 4.39 -1.69 -9.58
CA LEU A 215 4.28 -0.35 -9.01
C LEU A 215 3.34 0.51 -9.84
N LEU A 216 3.42 0.41 -11.17
CA LEU A 216 2.49 1.13 -12.03
C LEU A 216 1.06 0.68 -11.80
N LEU A 217 0.85 -0.62 -11.57
CA LEU A 217 -0.46 -1.12 -11.19
C LEU A 217 -0.92 -0.52 -9.86
N MET A 218 -0.02 -0.46 -8.88
CA MET A 218 -0.34 0.18 -7.61
C MET A 218 -0.80 1.61 -7.81
N LEU A 219 -0.11 2.34 -8.69
CA LEU A 219 -0.48 3.73 -8.96
C LEU A 219 -1.89 3.82 -9.53
N GLY A 220 -2.24 2.91 -10.44
CA GLY A 220 -3.59 2.92 -10.99
C GLY A 220 -4.65 2.60 -9.96
N VAL A 221 -4.36 1.66 -9.06
CA VAL A 221 -5.31 1.31 -8.00
C VAL A 221 -5.54 2.51 -7.08
N TYR A 222 -4.46 3.21 -6.71
CA TYR A 222 -4.61 4.37 -5.83
C TYR A 222 -5.34 5.50 -6.54
N LEU A 223 -5.12 5.66 -7.85
CA LEU A 223 -5.89 6.66 -8.60
C LEU A 223 -7.37 6.34 -8.59
N ARG A 224 -7.71 5.06 -8.73
CA ARG A 224 -9.12 4.66 -8.69
C ARG A 224 -9.69 4.79 -7.28
N ILE A 225 -8.87 4.62 -6.25
CA ILE A 225 -9.34 4.77 -4.87
C ILE A 225 -9.70 6.23 -4.59
N PHE A 226 -8.79 7.14 -4.91
CA PHE A 226 -9.05 8.56 -4.65
C PHE A 226 -10.15 9.11 -5.55
N ALA A 227 -10.26 8.60 -6.78
CA ALA A 227 -11.36 9.03 -7.64
C ALA A 227 -12.70 8.54 -7.12
N ALA A 228 -12.76 7.29 -6.66
CA ALA A 228 -14.00 6.76 -6.11
C ALA A 228 -14.40 7.53 -4.85
N ALA A 229 -13.43 7.86 -4.00
CA ALA A 229 -13.73 8.59 -2.78
C ALA A 229 -14.24 10.00 -3.10
N ARG A 230 -13.61 10.67 -4.07
CA ARG A 230 -14.08 12.00 -4.46
C ARG A 230 -15.48 11.93 -5.08
N ARG A 231 -15.75 10.87 -5.83
CA ARG A 231 -17.07 10.70 -6.43
C ARG A 231 -18.13 10.49 -5.35
N GLN A 232 -17.84 9.64 -4.36
CA GLN A 232 -18.81 9.37 -3.31
C GLN A 232 -19.01 10.58 -2.40
N LEU A 233 -17.96 11.37 -2.18
CA LEU A 233 -18.12 12.60 -1.40
C LEU A 233 -18.95 13.63 -2.17
N ALA A 234 -18.77 13.69 -3.49
CA ALA A 234 -19.57 14.60 -4.30
C ALA A 234 -21.02 14.14 -4.35
N ASP A 235 -21.25 12.82 -4.41
CA ASP A 235 -22.61 12.30 -4.44
C ASP A 235 -23.36 12.62 -3.15
N LEU A 236 -22.66 12.62 -2.02
CA LEU A 236 -23.30 12.93 -0.75
C LEU A 236 -23.73 14.39 -0.70
N GLU A 237 -22.83 15.30 -1.09
CA GLU A 237 -23.17 16.72 -1.13
C GLU A 237 -24.25 17.02 -2.16
N ASP A 238 -24.29 16.25 -3.26
CA ASP A 238 -25.33 16.45 -4.25
C ASP A 238 -26.69 15.99 -3.73
N ASN A 239 -26.74 14.81 -3.10
CA ASN A 239 -27.99 14.33 -2.55
C ASN A 239 -28.49 15.25 -1.44
N TRP A 240 -27.57 15.75 -0.61
CA TRP A 240 -27.94 16.74 0.40
C TRP A 240 -28.51 18.00 -0.23
N GLU A 241 -27.86 18.48 -1.30
CA GLU A 241 -28.35 19.67 -1.99
C GLU A 241 -29.69 19.43 -2.66
N THR A 242 -29.86 18.25 -3.28
CA THR A 242 -31.12 17.94 -3.94
C THR A 242 -32.27 17.90 -2.94
N LEU A 243 -32.00 17.39 -1.73
CA LEU A 243 -33.05 17.32 -0.71
C LEU A 243 -33.50 18.71 -0.29
N ASN A 244 -32.54 19.64 -0.12
CA ASN A 244 -32.87 20.98 0.37
C ASN A 244 -33.41 21.88 -0.74
N ASP A 245 -32.95 21.69 -1.98
CA ASP A 245 -33.48 22.50 -3.08
C ASP A 245 -34.93 22.15 -3.36
N ASN A 246 -35.25 20.86 -3.39
CA ASN A 246 -36.63 20.44 -3.62
C ASN A 246 -37.54 20.87 -2.45
N LEU A 247 -36.96 21.04 -1.26
CA LEU A 247 -37.71 21.58 -0.15
C LEU A 247 -38.19 23.00 -0.46
N LYS A 248 -37.29 23.84 -0.98
CA LYS A 248 -37.66 25.21 -1.32
C LYS A 248 -38.62 25.24 -2.51
N VAL A 249 -38.46 24.33 -3.46
CA VAL A 249 -39.36 24.26 -4.60
C VAL A 249 -40.80 24.03 -4.13
N ILE A 250 -40.97 23.16 -3.13
CA ILE A 250 -42.30 22.91 -2.58
C ILE A 250 -42.82 24.16 -1.87
N GLU A 251 -41.94 24.88 -1.18
CA GLU A 251 -42.37 26.05 -0.43
C GLU A 251 -42.97 27.12 -1.34
N LYS A 252 -42.34 27.36 -2.49
CA LYS A 252 -42.75 28.42 -3.41
C LYS A 252 -43.57 27.89 -4.58
N ALA A 253 -44.09 26.68 -4.48
CA ALA A 253 -44.93 26.14 -5.54
C ALA A 253 -46.28 26.85 -5.57
N ASP A 254 -46.91 26.84 -6.74
CA ASP A 254 -48.18 27.53 -6.94
C ASP A 254 -49.35 26.57 -7.16
N ASN A 255 -49.10 25.29 -7.42
CA ASN A 255 -50.15 24.31 -7.61
C ASN A 255 -49.73 22.98 -7.01
N ALA A 256 -50.68 22.07 -6.90
CA ALA A 256 -50.41 20.77 -6.28
C ALA A 256 -49.55 19.89 -7.17
N ALA A 257 -49.60 20.09 -8.49
CA ALA A 257 -48.84 19.24 -9.40
C ALA A 257 -47.34 19.50 -9.27
N GLN A 258 -46.94 20.73 -8.95
CA GLN A 258 -45.52 21.02 -8.76
C GLN A 258 -44.98 20.38 -7.49
N VAL A 259 -45.74 20.47 -6.40
CA VAL A 259 -45.33 19.81 -5.15
C VAL A 259 -45.20 18.31 -5.37
N LYS A 260 -46.11 17.73 -6.17
CA LYS A 260 -46.02 16.32 -6.50
C LYS A 260 -44.72 16.01 -7.22
N ASP A 261 -44.35 16.81 -8.22
CA ASP A 261 -43.14 16.56 -8.99
C ASP A 261 -41.91 16.61 -8.10
N ALA A 262 -41.84 17.60 -7.20
CA ALA A 262 -40.66 17.72 -6.35
C ALA A 262 -40.60 16.59 -5.33
N LEU A 263 -41.74 16.15 -4.80
CA LEU A 263 -41.74 15.07 -3.82
C LEU A 263 -41.33 13.76 -4.45
N THR A 264 -41.72 13.52 -5.71
CA THR A 264 -41.31 12.31 -6.40
C THR A 264 -39.79 12.26 -6.55
N LYS A 265 -39.17 13.43 -6.77
CA LYS A 265 -37.72 13.48 -6.86
C LYS A 265 -37.05 13.26 -5.52
N MET A 266 -37.70 13.67 -4.43
CA MET A 266 -37.13 13.46 -3.11
C MET A 266 -37.24 12.01 -2.67
N ARG A 267 -38.36 11.35 -3.01
CA ARG A 267 -38.56 9.97 -2.61
C ARG A 267 -37.53 9.05 -3.25
N ALA A 268 -37.27 9.24 -4.54
CA ALA A 268 -36.26 8.42 -5.22
C ALA A 268 -34.87 8.69 -4.64
N ALA A 269 -34.60 9.93 -4.26
CA ALA A 269 -33.30 10.26 -3.68
C ALA A 269 -33.17 9.71 -2.27
N ALA A 270 -34.28 9.70 -1.51
CA ALA A 270 -34.23 9.18 -0.15
C ALA A 270 -33.94 7.68 -0.13
N LEU A 271 -34.54 6.93 -1.06
CA LEU A 271 -34.27 5.51 -1.14
C LEU A 271 -32.86 5.22 -1.67
N ASP A 272 -32.33 6.09 -2.53
CA ASP A 272 -30.99 5.89 -3.05
C ASP A 272 -29.94 6.15 -1.98
N ALA A 273 -30.16 7.16 -1.14
CA ALA A 273 -29.23 7.42 -0.04
C ALA A 273 -29.38 6.41 1.09
N GLN A 274 -30.49 5.68 1.14
CA GLN A 274 -30.70 4.67 2.16
C GLN A 274 -29.94 3.39 1.87
N LYS A 275 -29.61 3.13 0.61
CA LYS A 275 -28.89 1.92 0.24
C LYS A 275 -27.39 2.08 0.47
N ARG A 295 -31.41 4.14 10.38
CA ARG A 295 -32.50 3.44 9.70
C ARG A 295 -33.85 4.02 10.07
N HIS A 296 -33.98 4.44 11.33
CA HIS A 296 -35.23 5.07 11.77
C HIS A 296 -35.44 6.41 11.09
N GLY A 297 -34.36 7.19 10.93
CA GLY A 297 -34.50 8.49 10.30
C GLY A 297 -35.00 8.41 8.86
N PHE A 298 -34.49 7.43 8.10
CA PHE A 298 -34.94 7.26 6.73
C PHE A 298 -36.35 6.71 6.66
N ASP A 299 -36.75 5.90 7.65
CA ASP A 299 -38.13 5.41 7.70
C ASP A 299 -39.09 6.56 7.96
N ILE A 300 -38.70 7.51 8.81
CA ILE A 300 -39.52 8.71 9.01
C ILE A 300 -39.52 9.56 7.76
N LEU A 301 -38.35 9.74 7.14
CA LEU A 301 -38.24 10.63 5.99
C LEU A 301 -39.13 10.15 4.84
N VAL A 302 -38.97 8.90 4.42
CA VAL A 302 -39.76 8.38 3.31
C VAL A 302 -41.24 8.38 3.66
N GLY A 303 -41.57 8.03 4.91
CA GLY A 303 -42.97 8.07 5.33
C GLY A 303 -43.56 9.46 5.25
N GLN A 304 -42.79 10.48 5.66
CA GLN A 304 -43.30 11.85 5.59
C GLN A 304 -43.41 12.34 4.15
N ILE A 305 -42.52 11.90 3.26
CA ILE A 305 -42.65 12.24 1.85
C ILE A 305 -43.89 11.58 1.27
N ASP A 306 -44.12 10.31 1.60
CA ASP A 306 -45.32 9.63 1.13
C ASP A 306 -46.58 10.32 1.63
N ASP A 307 -46.54 10.84 2.86
CA ASP A 307 -47.67 11.60 3.37
C ASP A 307 -47.95 12.82 2.48
N ALA A 308 -46.95 13.69 2.33
CA ALA A 308 -47.13 14.90 1.53
C ALA A 308 -47.50 14.57 0.08
N LEU A 309 -46.97 13.48 -0.46
CA LEU A 309 -47.32 13.10 -1.83
C LEU A 309 -48.78 12.65 -1.92
N LYS A 310 -49.32 12.06 -0.85
CA LYS A 310 -50.71 11.66 -0.86
C LYS A 310 -51.64 12.87 -0.89
N LEU A 311 -51.33 13.89 -0.08
CA LEU A 311 -52.14 15.12 -0.12
C LEU A 311 -51.98 15.85 -1.45
N ALA A 312 -50.77 15.81 -2.03
CA ALA A 312 -50.55 16.48 -3.31
C ALA A 312 -51.35 15.83 -4.43
N ASN A 313 -51.50 14.50 -4.37
CA ASN A 313 -52.32 13.80 -5.36
C ASN A 313 -53.79 14.17 -5.22
N GLU A 314 -54.23 14.56 -4.03
CA GLU A 314 -55.61 14.95 -3.80
C GLU A 314 -55.85 16.43 -4.10
N GLY A 315 -54.84 17.16 -4.57
CA GLY A 315 -54.99 18.57 -4.87
C GLY A 315 -54.91 19.49 -3.67
N LYS A 316 -54.52 18.98 -2.51
CA LYS A 316 -54.43 19.78 -1.30
C LYS A 316 -53.00 20.33 -1.21
N VAL A 317 -52.78 21.49 -1.84
CA VAL A 317 -51.43 22.01 -1.99
C VAL A 317 -50.89 22.52 -0.66
N LYS A 318 -51.69 23.30 0.07
CA LYS A 318 -51.20 23.86 1.34
C LYS A 318 -51.06 22.79 2.41
N GLU A 319 -51.90 21.75 2.37
CA GLU A 319 -51.70 20.62 3.27
C GLU A 319 -50.44 19.84 2.90
N ALA A 320 -50.16 19.71 1.60
CA ALA A 320 -48.94 19.03 1.18
C ALA A 320 -47.70 19.84 1.52
N GLN A 321 -47.77 21.16 1.36
CA GLN A 321 -46.63 22.00 1.70
C GLN A 321 -46.37 21.99 3.21
N ALA A 322 -47.44 22.03 4.01
CA ALA A 322 -47.26 21.99 5.46
C ALA A 322 -46.68 20.66 5.91
N ALA A 323 -47.13 19.56 5.30
CA ALA A 323 -46.58 18.25 5.63
C ALA A 323 -45.13 18.14 5.18
N ALA A 324 -44.77 18.78 4.07
CA ALA A 324 -43.38 18.76 3.60
C ALA A 324 -42.47 19.56 4.52
N GLU A 325 -43.00 20.52 5.27
CA GLU A 325 -42.18 21.29 6.19
C GLU A 325 -41.70 20.45 7.36
N GLN A 326 -42.47 19.42 7.74
N GLN A 326 -42.47 19.43 7.75
CA GLN A 326 -42.07 18.51 8.80
CA GLN A 326 -42.02 18.55 8.82
C GLN A 326 -40.82 17.70 8.42
C GLN A 326 -40.86 17.65 8.41
N LEU A 327 -40.43 17.71 7.14
CA LEU A 327 -39.23 17.02 6.74
C LEU A 327 -37.99 17.70 7.30
N LYS A 328 -38.05 19.01 7.52
CA LYS A 328 -36.90 19.73 8.07
C LYS A 328 -36.58 19.26 9.48
N THR A 329 -37.60 18.95 10.28
CA THR A 329 -37.35 18.40 11.61
C THR A 329 -36.63 17.06 11.50
N THR A 330 -37.05 16.21 10.57
CA THR A 330 -36.37 14.94 10.36
C THR A 330 -34.97 15.14 9.82
N ARG A 331 -34.79 16.15 8.96
CA ARG A 331 -33.48 16.40 8.36
C ARG A 331 -32.49 16.88 9.40
N ASN A 332 -32.92 17.75 10.31
CA ASN A 332 -32.00 18.30 11.30
C ASN A 332 -31.63 17.27 12.34
N ALA A 333 -32.58 16.43 12.76
CA ALA A 333 -32.35 15.50 13.85
C ALA A 333 -31.73 14.18 13.40
N TYR A 334 -31.79 13.85 12.11
CA TYR A 334 -31.34 12.53 11.67
C TYR A 334 -30.49 12.58 10.40
N ILE A 335 -31.01 13.24 9.35
CA ILE A 335 -30.39 13.16 8.03
C ILE A 335 -29.01 13.81 8.02
N GLN A 336 -28.89 14.96 8.68
CA GLN A 336 -27.59 15.63 8.74
C GLN A 336 -26.57 14.81 9.50
N LYS A 337 -27.01 14.07 10.52
CA LYS A 337 -26.09 13.23 11.28
C LYS A 337 -25.55 12.10 10.41
N TYR A 338 -26.39 11.50 9.57
CA TYR A 338 -25.92 10.46 8.67
C TYR A 338 -24.94 11.02 7.65
N LEU A 339 -25.25 12.19 7.08
CA LEU A 339 -24.39 12.76 6.05
C LEU A 339 -23.00 13.05 6.59
N GLU A 340 -22.92 13.63 7.79
CA GLU A 340 -21.61 13.97 8.35
C GLU A 340 -20.85 12.74 8.82
N ARG A 341 -21.57 11.71 9.29
CA ARG A 341 -20.89 10.47 9.67
C ARG A 341 -20.35 9.75 8.44
N ALA A 342 -21.13 9.70 7.36
CA ALA A 342 -20.63 9.13 6.12
C ALA A 342 -19.47 9.95 5.56
N ARG A 343 -19.56 11.28 5.67
CA ARG A 343 -18.46 12.13 5.23
C ARG A 343 -17.21 11.89 6.06
N SER A 344 -17.36 11.76 7.38
CA SER A 344 -16.22 11.51 8.24
C SER A 344 -15.62 10.14 7.96
N THR A 345 -16.45 9.15 7.65
CA THR A 345 -15.95 7.81 7.35
C THR A 345 -15.19 7.80 6.03
N LEU A 346 -15.71 8.51 5.01
CA LEU A 346 -15.04 8.57 3.73
C LEU A 346 -13.70 9.29 3.84
N GLN A 347 -13.63 10.31 4.71
CA GLN A 347 -12.37 11.03 4.86
C GLN A 347 -11.33 10.23 5.63
N LYS A 348 -11.78 9.37 6.55
CA LYS A 348 -10.85 8.45 7.20
C LYS A 348 -10.28 7.45 6.21
N GLU A 349 -11.09 7.01 5.24
CA GLU A 349 -10.61 6.08 4.22
C GLU A 349 -9.61 6.76 3.30
N VAL A 350 -9.86 8.03 2.94
CA VAL A 350 -8.90 8.78 2.15
C VAL A 350 -7.59 8.92 2.91
N HIS A 351 -7.68 9.20 4.22
CA HIS A 351 -6.48 9.34 5.03
C HIS A 351 -5.69 8.03 5.10
N ALA A 352 -6.39 6.91 5.31
CA ALA A 352 -5.71 5.62 5.36
C ALA A 352 -5.11 5.25 4.02
N ALA A 353 -5.80 5.57 2.92
CA ALA A 353 -5.25 5.27 1.60
C ALA A 353 -4.05 6.14 1.29
N LYS A 354 -4.03 7.39 1.77
CA LYS A 354 -2.86 8.23 1.60
C LYS A 354 -1.66 7.67 2.36
N SER A 355 -1.89 7.18 3.58
CA SER A 355 -0.81 6.59 4.36
C SER A 355 -0.21 5.38 3.65
N ALA A 356 -1.06 4.52 3.08
CA ALA A 356 -0.56 3.35 2.38
C ALA A 356 0.13 3.72 1.08
N ALA A 357 -0.34 4.78 0.41
CA ALA A 357 0.30 5.22 -0.83
C ALA A 357 1.69 5.80 -0.55
N ILE A 358 1.85 6.51 0.57
CA ILE A 358 3.15 7.03 0.95
C ILE A 358 4.14 5.90 1.15
N ILE A 359 3.69 4.79 1.76
CA ILE A 359 4.54 3.63 1.95
C ILE A 359 4.99 3.07 0.61
N ALA A 360 4.04 2.92 -0.33
CA ALA A 360 4.40 2.42 -1.65
C ALA A 360 5.32 3.39 -2.37
N GLY A 361 5.08 4.69 -2.23
CA GLY A 361 5.92 5.68 -2.88
C GLY A 361 7.33 5.68 -2.32
N LEU A 362 7.47 5.50 -1.00
CA LEU A 362 8.79 5.46 -0.39
C LEU A 362 9.55 4.20 -0.79
N PHE A 363 8.84 3.09 -1.01
CA PHE A 363 9.49 1.91 -1.56
C PHE A 363 10.06 2.22 -2.95
N ALA A 364 9.30 2.92 -3.79
CA ALA A 364 9.81 3.29 -5.11
C ALA A 364 10.99 4.24 -4.99
N LEU A 365 10.88 5.25 -4.12
CA LEU A 365 11.95 6.23 -3.99
C LEU A 365 13.25 5.60 -3.51
N CYS A 366 13.16 4.63 -2.60
CA CYS A 366 14.35 4.01 -2.04
C CYS A 366 14.99 3.00 -2.99
N TRP A 367 14.19 2.33 -3.83
CA TRP A 367 14.69 1.27 -4.68
C TRP A 367 15.02 1.73 -6.10
N LEU A 368 14.37 2.77 -6.59
CA LEU A 368 14.61 3.21 -7.97
C LEU A 368 16.07 3.57 -8.26
N PRO A 369 16.81 4.29 -7.40
CA PRO A 369 18.18 4.65 -7.77
C PRO A 369 19.05 3.46 -8.11
N LEU A 370 18.98 2.38 -7.33
CA LEU A 370 19.77 1.19 -7.64
C LEU A 370 19.34 0.58 -8.97
N HIS A 371 18.03 0.47 -9.21
CA HIS A 371 17.55 -0.09 -10.48
C HIS A 371 17.94 0.79 -11.66
N ILE A 372 17.91 2.11 -11.48
CA ILE A 372 18.28 3.02 -12.56
C ILE A 372 19.77 2.90 -12.88
N ILE A 373 20.60 2.73 -11.85
CA ILE A 373 22.02 2.53 -12.08
C ILE A 373 22.25 1.24 -12.88
N ASN A 374 21.48 0.18 -12.56
CA ASN A 374 21.61 -1.05 -13.32
C ASN A 374 21.24 -0.83 -14.78
N CYS A 375 20.23 0.02 -15.04
CA CYS A 375 19.87 0.34 -16.42
C CYS A 375 21.02 1.01 -17.16
N PHE A 376 21.71 1.95 -16.50
CA PHE A 376 22.86 2.59 -17.14
C PHE A 376 23.96 1.58 -17.40
N THR A 377 24.25 0.72 -16.43
CA THR A 377 25.26 -0.32 -16.62
C THR A 377 24.93 -1.21 -17.81
N PHE A 378 23.66 -1.60 -17.92
CA PHE A 378 23.25 -2.56 -18.94
C PHE A 378 23.05 -1.89 -20.30
N PHE A 379 22.40 -0.74 -20.34
CA PHE A 379 22.03 -0.12 -21.60
C PHE A 379 23.10 0.78 -22.19
N CYS A 380 24.07 1.25 -21.39
CA CYS A 380 25.14 2.12 -21.87
C CYS A 380 26.49 1.47 -21.61
N PRO A 381 26.90 0.50 -22.44
CA PRO A 381 28.26 -0.05 -22.31
C PRO A 381 29.35 0.95 -22.67
N ASP A 382 29.02 2.05 -23.34
CA ASP A 382 29.97 3.11 -23.60
C ASP A 382 30.12 4.07 -22.43
N CYS A 383 29.23 3.98 -21.44
CA CYS A 383 29.33 4.81 -20.24
C CYS A 383 30.21 4.13 -19.21
N SER A 384 31.04 4.92 -18.53
CA SER A 384 31.79 4.40 -17.40
C SER A 384 30.82 3.89 -16.33
N HIS A 385 31.17 2.77 -15.71
CA HIS A 385 30.37 2.24 -14.62
C HIS A 385 30.23 3.27 -13.51
N ALA A 386 29.04 3.33 -12.90
CA ALA A 386 28.85 4.22 -11.78
C ALA A 386 29.92 3.94 -10.72
N PRO A 387 30.47 4.97 -10.07
CA PRO A 387 31.56 4.74 -9.11
C PRO A 387 31.09 3.91 -7.92
N LEU A 388 32.07 3.29 -7.25
CA LEU A 388 31.76 2.38 -6.15
C LEU A 388 31.02 3.08 -5.02
N TRP A 389 31.41 4.32 -4.71
CA TRP A 389 30.74 5.02 -3.61
C TRP A 389 29.27 5.26 -3.92
N LEU A 390 28.92 5.47 -5.19
CA LEU A 390 27.52 5.65 -5.56
C LEU A 390 26.75 4.35 -5.49
N MET A 391 27.39 3.23 -5.86
CA MET A 391 26.75 1.93 -5.71
C MET A 391 26.46 1.63 -4.25
N TYR A 392 27.42 1.89 -3.37
CA TYR A 392 27.20 1.69 -1.94
C TYR A 392 26.08 2.59 -1.43
N LEU A 393 26.04 3.84 -1.91
CA LEU A 393 24.97 4.74 -1.50
C LEU A 393 23.62 4.23 -1.99
N ALA A 394 23.55 3.75 -3.24
CA ALA A 394 22.29 3.23 -3.76
C ALA A 394 21.87 1.96 -3.03
N ILE A 395 22.83 1.09 -2.71
CA ILE A 395 22.52 -0.11 -1.94
C ILE A 395 22.02 0.26 -0.56
N VAL A 396 22.70 1.21 0.10
CA VAL A 396 22.31 1.65 1.43
C VAL A 396 20.92 2.28 1.39
N LEU A 397 20.64 3.11 0.39
CA LEU A 397 19.34 3.75 0.28
C LEU A 397 18.23 2.72 0.16
N SER A 398 18.46 1.67 -0.63
CA SER A 398 17.44 0.62 -0.76
C SER A 398 17.20 -0.08 0.57
N HIS A 399 18.24 -0.22 1.39
CA HIS A 399 18.07 -0.85 2.70
C HIS A 399 17.35 0.05 3.68
N THR A 400 17.48 1.37 3.53
CA THR A 400 16.80 2.31 4.43
CA THR A 400 16.79 2.29 4.44
C THR A 400 15.28 2.19 4.35
N ASN A 401 14.75 1.68 3.22
CA ASN A 401 13.32 1.50 3.12
C ASN A 401 12.79 0.56 4.19
N SER A 402 13.62 -0.39 4.63
CA SER A 402 13.19 -1.30 5.68
C SER A 402 13.06 -0.62 7.04
N VAL A 403 13.40 0.66 7.14
CA VAL A 403 13.37 1.39 8.39
C VAL A 403 12.16 2.33 8.42
N VAL A 404 11.72 2.77 7.24
CA VAL A 404 10.83 3.93 7.19
C VAL A 404 9.38 3.60 7.55
N ASN A 405 8.91 2.38 7.25
CA ASN A 405 7.48 2.09 7.45
C ASN A 405 7.04 2.25 8.90
N PRO A 406 7.76 1.74 9.91
CA PRO A 406 7.31 1.96 11.30
C PRO A 406 7.13 3.43 11.68
N PHE A 407 7.88 4.34 11.07
CA PHE A 407 7.67 5.76 11.35
C PHE A 407 6.41 6.27 10.70
N ILE A 408 6.10 5.81 9.49
CA ILE A 408 4.89 6.26 8.81
C ILE A 408 3.64 5.82 9.57
N TYR A 409 3.67 4.61 10.13
CA TYR A 409 2.55 4.14 10.93
C TYR A 409 2.38 4.98 12.18
N ALA A 410 3.50 5.26 12.87
CA ALA A 410 3.43 6.01 14.12
C ALA A 410 2.97 7.45 13.89
N TYR A 411 3.40 8.07 12.80
CA TYR A 411 3.05 9.46 12.55
C TYR A 411 1.66 9.62 11.94
N ARG A 412 1.12 8.58 11.29
CA ARG A 412 -0.09 8.73 10.51
C ARG A 412 -1.27 7.88 10.98
N ILE A 413 -1.04 6.85 11.78
CA ILE A 413 -2.10 5.95 12.24
C ILE A 413 -2.13 5.99 13.76
N ARG A 414 -3.22 6.55 14.31
CA ARG A 414 -3.29 6.78 15.74
C ARG A 414 -3.28 5.47 16.53
N GLU A 415 -3.97 4.45 16.02
CA GLU A 415 -4.00 3.16 16.71
C GLU A 415 -2.61 2.55 16.82
N PHE A 416 -1.76 2.74 15.81
CA PHE A 416 -0.39 2.26 15.88
C PHE A 416 0.43 3.10 16.85
N ARG A 417 0.31 4.43 16.75
CA ARG A 417 1.06 5.33 17.61
C ARG A 417 0.77 5.07 19.08
N GLN A 418 -0.51 4.89 19.42
CA GLN A 418 -0.87 4.64 20.82
C GLN A 418 -0.38 3.29 21.28
N THR A 419 -0.42 2.28 20.41
CA THR A 419 0.08 0.96 20.78
C THR A 419 1.59 0.97 20.92
N PHE A 420 2.29 1.72 20.07
CA PHE A 420 3.73 1.88 20.22
C PHE A 420 4.07 2.48 21.58
N ARG A 421 3.35 3.53 21.96
CA ARG A 421 3.63 4.20 23.24
C ARG A 421 3.42 3.23 24.41
N LYS A 422 2.32 2.49 24.40
CA LYS A 422 2.04 1.55 25.48
C LYS A 422 3.12 0.47 25.56
N ILE A 423 3.56 -0.05 24.42
CA ILE A 423 4.61 -1.07 24.42
C ILE A 423 5.90 -0.48 24.96
N ILE A 424 6.26 0.72 24.52
CA ILE A 424 7.52 1.33 24.93
C ILE A 424 7.48 1.74 26.40
N ARG A 425 6.37 2.35 26.83
CA ARG A 425 6.26 2.81 28.22
C ARG A 425 6.34 1.64 29.20
N SER A 426 5.55 0.60 28.94
CA SER A 426 5.58 -0.59 29.79
C SER A 426 6.88 -1.36 29.60
O1 A1H3I B . 32.94 -2.89 -8.39
C1 A1H3I B . 19.70 -5.92 -6.06
C2 A1H3I B . 21.64 -5.63 -4.60
C3 A1H3I B . 23.58 -5.37 -3.13
C4 A1H3I B . 24.15 -6.68 -2.65
C5 A1H3I B . 23.74 -5.00 -5.55
C6 A1H3I B . 23.16 -4.78 -6.75
C7 A1H3I B . 24.07 -3.92 -8.97
C8 A1H3I B . 25.30 -4.28 -6.79
N A1H3I B . 21.12 -5.54 -5.88
C A1H3I B . 18.75 -4.77 -5.98
O A1H3I B . 20.93 -5.80 -3.62
C10 A1H3I B . 27.72 -3.95 -6.60
C11 A1H3I B . 29.06 -3.62 -7.07
C12 A1H3I B . 30.18 -3.82 -6.23
C13 A1H3I B . 31.45 -3.56 -6.70
C14 A1H3I B . 31.64 -3.09 -8.01
C16 A1H3I B . 30.54 -2.88 -8.83
C17 A1H3I B . 29.27 -3.15 -8.36
C19 A1H3I B . 21.79 -5.06 -7.01
C9 A1H3I B . 26.59 -3.83 -7.29
N1 A1H3I B . 23.02 -5.49 -4.48
N2 A1H3I B . 24.17 -4.31 -7.56
N3 A1H3I B . 25.07 -4.70 -5.54
O2 A1H3I B . 32.59 -3.77 -5.98
O3 A1H3I B . 21.19 -4.90 -8.07
C1 CLR C . 25.77 6.31 -14.61
C2 CLR C . 27.15 6.05 -15.21
C3 CLR C . 27.52 7.11 -16.22
C4 CLR C . 27.42 8.51 -15.61
C5 CLR C . 26.08 8.75 -14.94
C6 CLR C . 25.42 9.88 -15.13
C7 CLR C . 24.15 10.25 -14.44
C8 CLR C . 23.83 9.36 -13.24
C9 CLR C . 24.14 7.89 -13.59
C10 CLR C . 25.63 7.69 -13.95
C11 CLR C . 23.66 6.95 -12.48
C12 CLR C . 22.20 7.18 -12.11
C13 CLR C . 21.95 8.61 -11.66
C14 CLR C . 22.38 9.50 -12.83
C15 CLR C . 21.85 10.89 -12.47
C16 CLR C . 20.49 10.58 -11.83
C17 CLR C . 20.46 9.05 -11.51
C18 CLR C . 22.74 8.94 -10.38
C19 CLR C . 26.54 7.77 -12.71
C20 CLR C . 19.67 8.77 -10.22
C21 CLR C . 19.61 7.30 -9.81
C22 CLR C . 18.24 9.30 -10.38
C23 CLR C . 17.48 9.59 -9.09
C24 CLR C . 16.36 8.58 -8.85
C25 CLR C . 15.04 9.17 -8.34
C26 CLR C . 14.04 8.05 -8.10
C27 CLR C . 15.23 9.98 -7.06
O1 CLR C . 28.83 6.84 -16.67
C1 CLR D . 29.56 -20.08 1.69
C2 CLR D . 30.74 -20.24 0.74
C3 CLR D . 30.59 -21.52 -0.07
C4 CLR D . 29.28 -21.50 -0.85
C5 CLR D . 28.09 -21.26 0.04
C6 CLR D . 27.08 -22.11 0.03
C7 CLR D . 25.85 -22.01 0.86
C8 CLR D . 25.72 -20.66 1.58
C9 CLR D . 27.09 -20.21 2.11
C10 CLR D . 28.17 -20.07 1.01
C11 CLR D . 26.94 -18.95 2.97
C12 CLR D . 25.93 -19.13 4.11
C13 CLR D . 24.55 -19.53 3.60
C14 CLR D . 24.77 -20.81 2.76
C15 CLR D . 23.35 -21.30 2.48
C16 CLR D . 22.64 -21.04 3.83
C17 CLR D . 23.54 -20.07 4.65
C18 CLR D . 23.87 -18.42 2.79
C19 CLR D . 28.01 -18.78 0.19
C20 CLR D . 22.68 -19.09 5.47
C21 CLR D . 23.47 -18.14 6.38
C22 CLR D . 21.67 -19.89 6.29
C23 CLR D . 20.76 -19.07 7.20
C24 CLR D . 19.70 -19.94 7.86
C25 CLR D . 18.64 -19.18 8.66
C26 CLR D . 17.73 -20.15 9.41
C27 CLR D . 19.27 -18.18 9.64
O1 CLR D . 31.70 -21.63 -0.94
C1 CLR E . 19.48 4.30 -21.75
C2 CLR E . 20.82 4.27 -22.45
C3 CLR E . 21.39 5.66 -22.64
C4 CLR E . 21.44 6.41 -21.31
C5 CLR E . 20.12 6.38 -20.58
C6 CLR E . 19.58 7.50 -20.10
C7 CLR E . 18.34 7.56 -19.27
C8 CLR E . 17.90 6.19 -18.76
C9 CLR E . 18.05 5.14 -19.86
C10 CLR E . 19.51 5.01 -20.37
C11 CLR E . 17.45 3.79 -19.44
C12 CLR E . 16.04 3.89 -18.89
C13 CLR E . 15.94 4.87 -17.72
C14 CLR E . 16.46 6.21 -18.28
C15 CLR E . 16.07 7.24 -17.22
C16 CLR E . 14.74 6.71 -16.66
C17 CLR E . 14.52 5.28 -17.26
C18 CLR E . 16.76 4.39 -16.52
C19 CLR E . 20.40 4.22 -19.39
C20 CLR E . 13.74 4.39 -16.28
C21 CLR E . 13.26 3.07 -16.87
C22 CLR E . 12.56 5.16 -15.70
C23 CLR E . 11.69 4.38 -14.72
C24 CLR E . 10.21 4.54 -15.01
C25 CLR E . 9.59 5.84 -14.48
C26 CLR E . 8.07 5.80 -14.66
C27 CLR E . 9.95 6.07 -13.02
O1 CLR E . 22.67 5.52 -23.20
C1 CLR F . 24.03 -26.16 -2.99
C2 CLR F . 25.41 -26.27 -3.65
C3 CLR F . 25.83 -24.95 -4.25
C4 CLR F . 25.79 -23.86 -3.20
C5 CLR F . 24.45 -23.77 -2.52
C6 CLR F . 23.72 -22.66 -2.59
C7 CLR F . 22.45 -22.42 -1.84
C8 CLR F . 22.19 -23.53 -0.82
C9 CLR F . 22.44 -24.89 -1.49
C10 CLR F . 23.91 -25.06 -1.92
C11 CLR F . 21.92 -26.05 -0.63
C12 CLR F . 20.49 -25.85 -0.10
C13 CLR F . 20.36 -24.55 0.69
C14 CLR F . 20.77 -23.43 -0.28
C15 CLR F . 20.36 -22.13 0.41
C16 CLR F . 19.09 -22.53 1.18
C17 CLR F . 18.93 -24.07 1.06
C18 CLR F . 21.23 -24.57 1.95
C19 CLR F . 24.81 -25.43 -0.72
C20 CLR F . 18.20 -24.65 2.28
C21 CLR F . 17.90 -26.15 2.21
C22 CLR F . 16.89 -23.88 2.48
C23 CLR F . 15.85 -24.53 3.39
C24 CLR F . 16.17 -24.32 4.86
C25 CLR F . 15.12 -24.79 5.87
C26 CLR F . 13.78 -25.06 5.17
C27 CLR F . 14.92 -23.80 7.00
O1 CLR F . 27.12 -25.09 -4.81
C10 OLC G . 25.18 -14.26 9.22
C9 OLC G . 25.87 -14.26 8.07
C11 OLC G . 23.71 -14.70 9.05
C8 OLC G . 26.03 -14.50 6.53
C24 OLC G . 35.40 -19.94 1.76
C16 OLC G . 18.84 -15.69 12.37
C12 OLC G . 23.27 -15.44 10.34
C7 OLC G . 27.52 -14.81 6.23
C15 OLC G . 20.31 -16.14 12.43
C13 OLC G . 21.73 -15.57 10.39
C6 OLC G . 27.62 -15.67 4.94
C14 OLC G . 21.21 -15.07 11.77
C5 OLC G . 28.86 -16.61 5.05
C4 OLC G . 30.14 -15.75 5.16
C3 OLC G . 31.18 -16.26 4.13
C2 OLC G . 32.45 -16.75 4.86
C21 OLC G . 35.49 -18.37 3.71
C1 OLC G . 33.23 -17.73 3.96
C22 OLC G . 36.16 -18.76 2.39
O19 OLC G . 32.76 -18.79 3.68
O25 OLC G . 36.19 -20.51 0.75
O23 OLC G . 36.15 -17.68 1.51
O20 OLC G . 34.51 -17.39 3.48
C1 OLA H . 36.01 -12.84 3.71
O1 OLA H . 36.73 -12.28 2.86
O2 OLA H . 36.19 -14.06 3.95
C2 OLA H . 34.94 -12.07 4.45
C3 OLA H . 33.92 -13.06 4.99
C4 OLA H . 32.52 -12.45 5.07
C5 OLA H . 32.41 -11.51 6.25
C6 OLA H . 31.25 -11.90 7.16
C7 OLA H . 30.09 -10.92 7.04
C8 OLA H . 29.33 -10.85 8.36
C9 OLA H . 28.18 -9.88 8.25
C10 OLA H . 27.53 -9.40 9.48
C11 OLA H . 28.00 -9.92 10.81
C12 OLA H . 26.83 -10.03 11.77
C13 OLA H . 26.35 -11.48 11.85
C14 OLA H . 25.00 -11.59 12.54
C15 OLA H . 23.85 -11.36 11.56
C16 OLA H . 22.54 -11.12 12.29
C17 OLA H . 22.35 -12.09 13.43
C18 OLA H . 20.93 -12.03 13.99
C10 OLC I . 8.53 -15.16 6.06
C9 OLC I . 7.33 -14.73 6.49
C11 OLC I . 8.56 -16.67 5.74
C8 OLC I . 5.83 -14.93 6.86
C16 OLC I . 14.47 -17.44 5.81
C12 OLC I . 9.64 -16.95 4.65
C7 OLC I . 5.59 -14.37 8.29
C15 OLC I . 12.98 -17.70 6.14
C13 OLC I . 11.02 -16.43 5.13
C6 OLC I . 4.55 -13.21 8.23
C14 OLC I . 12.11 -17.50 4.86
C5 OLC I . 3.11 -13.79 8.03
C4 OLC I . 2.11 -13.01 8.93
C3 OLC I . 0.83 -12.68 8.11
C2 OLC I . -0.38 -12.60 9.07
C1 OLA J . 33.83 4.34 -0.73
O1 OLA J . 34.74 5.16 -0.45
O2 OLA J . 33.85 3.76 -1.84
C2 OLA J . 32.73 4.06 0.27
C3 OLA J . 32.41 5.34 1.05
C4 OLA J . 30.93 5.69 0.97
C5 OLA J . 30.08 4.53 1.48
C6 OLA J . 28.60 4.92 1.52
C7 OLA J . 28.07 4.83 2.94
C8 OLA J . 26.69 5.47 3.06
C9 OLA J . 26.85 6.91 3.47
C10 OLA J . 25.76 7.56 4.22
C11 OLA J . 24.33 7.21 3.89
C12 OLA J . 23.44 7.61 5.07
C13 OLA J . 22.01 7.09 4.90
C14 OLA J . 21.60 6.97 3.44
C15 OLA J . 20.47 7.94 3.11
C16 OLA J . 19.39 7.93 4.17
C8 OLA K . -0.46 7.85 -4.81
C9 OLA K . 0.95 7.71 -5.34
C10 OLA K . 1.43 6.42 -5.84
C11 OLA K . 1.65 5.24 -4.91
C12 OLA K . 2.23 4.07 -5.69
C13 OLA K . 2.91 4.51 -6.97
C14 OLA K . 4.40 4.77 -6.76
C15 OLA K . 5.24 4.01 -7.78
C16 OLA K . 5.69 4.90 -8.92
C17 OLA K . 6.12 4.05 -10.11
C18 OLA K . 7.23 4.73 -10.91
C10 OLC L . 28.46 -14.77 12.28
C9 OLC L . 28.94 -14.36 11.10
C11 OLC L . 27.99 -16.25 12.27
C8 OLC L . 29.31 -14.57 9.61
C24 OLC L . 40.17 -17.43 3.91
C16 OLC L . 22.53 -16.33 15.27
C12 OLC L . 26.45 -16.31 12.41
C7 OLC L . 30.30 -15.76 9.46
C15 OLC L . 23.57 -16.80 14.22
C13 OLC L . 26.07 -16.74 13.85
C6 OLC L . 31.74 -15.28 9.81
C14 OLC L . 24.84 -15.91 14.33
C5 OLC L . 32.60 -15.25 8.52
C4 OLC L . 33.40 -16.57 8.39
C3 OLC L . 34.91 -16.27 8.62
C2 OLC L . 35.70 -16.51 7.31
C21 OLC L . 38.43 -16.94 5.65
C1 OLC L . 37.15 -16.88 7.66
C22 OLC L . 39.80 -16.51 5.10
O19 OLC L . 37.38 -17.63 8.55
O25 OLC L . 39.75 -18.74 4.18
O23 OLC L . 39.74 -15.19 4.67
O20 OLC L . 38.23 -16.33 6.91
C1 OLA M . 34.29 -2.92 10.27
O1 OLA M . 35.07 -2.88 9.28
O2 OLA M . 34.00 -4.03 10.76
C2 OLA M . 33.70 -1.66 10.83
C3 OLA M . 33.41 -1.87 12.31
C4 OLA M . 31.92 -2.08 12.53
C5 OLA M . 31.55 -2.05 14.01
C6 OLA M . 30.04 -1.86 14.18
C7 OLA M . 29.72 -0.40 14.45
C8 OLA M . 28.22 -0.20 14.64
C9 OLA M . 27.97 1.16 15.25
C1 OLA N . -6.77 -8.61 -1.03
O1 OLA N . -7.41 -7.61 -0.65
O2 OLA N . -6.34 -9.42 -0.19
C2 OLA N . -6.53 -8.84 -2.51
C3 OLA N . -5.24 -9.63 -2.71
C4 OLA N . -4.42 -9.03 -3.86
C5 OLA N . -3.33 -9.99 -4.34
C6 OLA N . -2.15 -9.22 -4.91
C7 OLA N . -0.97 -10.15 -5.20
C1 OLA O . -7.93 -23.06 -2.95
O1 OLA O . -8.74 -22.44 -3.67
O2 OLA O . -8.34 -23.92 -2.16
C2 OLA O . -6.45 -22.77 -3.05
C3 OLA O . -5.76 -23.88 -3.83
C4 OLA O . -4.44 -23.39 -4.42
C5 OLA O . -4.64 -22.16 -5.30
C6 OLA O . -3.32 -21.41 -5.50
C7 OLA O . -3.32 -20.58 -6.78
C8 OLA O . -1.92 -20.10 -7.10
C9 OLA O . -1.70 -20.21 -8.59
C10 OLA O . -0.48 -20.85 -9.13
C11 OLA O . 0.60 -20.05 -9.83
C12 OLA O . 1.44 -21.03 -10.64
C13 OLA O . 2.20 -20.34 -11.77
C14 OLA O . 3.71 -20.43 -11.53
C15 OLA O . 4.43 -19.17 -12.00
C16 OLA O . 5.90 -19.20 -11.65
C17 OLA O . 6.59 -17.88 -11.98
C18 OLA O . 8.10 -18.04 -12.03
C1 OLA P . 30.90 9.86 -12.56
O1 OLA P . 31.95 10.39 -12.15
O2 OLA P . 30.88 9.37 -13.72
C2 OLA P . 29.68 9.78 -11.67
C3 OLA P . 29.79 10.82 -10.56
C4 OLA P . 28.44 11.04 -9.88
C5 OLA P . 27.39 11.46 -10.90
C6 OLA P . 26.34 12.34 -10.25
C7 OLA P . 25.13 11.50 -9.85
C8 OLA P . 25.13 11.20 -8.36
C9 OLA P . 24.41 12.34 -7.66
C10 OLA P . 24.66 12.62 -6.25
C11 OLA P . 24.76 11.50 -5.25
C12 OLA P . 24.87 12.09 -3.84
C13 OLA P . 23.54 12.03 -3.10
C14 OLA P . 22.57 13.12 -3.55
C1 OLA Q . 0.42 -11.16 13.96
O1 OLA Q . 0.67 -9.95 14.14
O2 OLA Q . -0.79 -11.54 13.96
C2 OLA Q . 1.53 -12.15 13.75
C3 OLA Q . 2.68 -11.83 14.69
C4 OLA Q . 3.98 -12.50 14.24
C5 OLA Q . 4.60 -11.80 13.03
C6 OLA Q . 5.50 -12.73 12.24
C7 OLA Q . 6.97 -12.46 12.56
C8 OLA Q . 7.89 -12.97 11.46
C9 OLA Q . 9.30 -12.49 11.72
C10 OLA Q . 10.34 -12.60 10.69
C11 OLA Q . 10.50 -13.90 9.92
C3 OLA R . 7.49 10.62 8.54
C4 OLA R . 8.83 9.90 8.44
C5 OLA R . 9.70 10.50 7.33
C6 OLA R . 10.50 9.42 6.62
C7 OLA R . 10.41 9.62 5.10
C8 OLA R . 11.78 9.91 4.49
C9 OLA R . 12.81 9.00 5.12
C10 OLA R . 14.07 8.70 4.42
C11 OLA R . 14.04 8.19 3.00
C12 OLA R . 15.46 7.91 2.54
C10 OLA S . 13.70 2.80 13.99
C11 OLA S . 12.77 2.38 15.04
C12 OLA S . 13.14 2.62 16.48
C13 OLA S . 13.02 1.30 17.23
C14 OLA S . 11.71 1.20 18.00
C15 OLA S . 11.74 2.09 19.25
C16 OLA S . 12.37 1.35 20.44
C17 OLA S . 12.02 -0.13 20.43
C8 OLA T . 12.77 8.88 9.63
C9 OLA T . 12.88 7.42 9.28
C10 OLA T . 14.17 6.85 8.88
C11 OLA T . 14.89 7.42 7.69
C12 OLA T . 16.39 7.49 7.97
C13 OLA T . 16.96 6.15 8.43
C14 OLA T . 18.48 6.23 8.53
C15 OLA T . 19.09 4.86 8.76
C16 OLA T . 20.55 4.97 9.19
C17 OLA T . 21.34 5.85 8.23
C1 OLA U . 33.80 10.45 -3.13
O1 OLA U . 33.55 11.60 -3.55
O2 OLA U . 34.74 9.80 -3.64
C2 OLA U . 32.98 9.85 -2.01
C3 OLA U . 31.57 10.43 -2.03
C4 OLA U . 31.03 10.60 -0.61
C5 OLA U . 29.59 11.09 -0.60
C6 OLA U . 28.62 9.94 -0.29
C9 OLC V . 9.36 2.48 -19.26
C8 OLC V . 10.75 1.80 -19.41
C24 OLC V . 22.06 0.70 -26.55
C7 OLC V . 11.19 1.90 -20.89
C6 OLC V . 12.71 2.27 -20.96
C5 OLC V . 13.40 1.38 -22.05
C4 OLC V . 14.61 2.16 -22.64
C3 OLC V . 15.72 1.17 -23.09
C2 OLC V . 17.03 1.94 -23.33
C21 OLC V . 19.67 0.85 -25.78
C1 OLC V . 17.67 1.51 -24.67
C22 OLC V . 20.79 1.54 -26.57
O19 OLC V . 17.01 0.92 -25.46
O25 OLC V . 22.96 1.21 -27.52
O23 OLC V . 20.39 1.69 -27.90
O20 OLC V . 19.03 1.80 -24.95
C9 OLC W . 10.21 -25.83 -8.42
C8 OLC W . 11.51 -25.37 -9.15
C24 OLC W . 21.11 -25.01 -13.52
C7 OLC W . 12.74 -26.01 -8.46
C6 OLC W . 13.89 -26.17 -9.50
C5 OLC W . 15.08 -26.93 -8.86
C4 OLC W . 16.24 -25.94 -8.54
C3 OLC W . 17.59 -26.56 -8.99
C2 OLC W . 18.46 -25.44 -9.62
C21 OLC W . 21.84 -25.51 -11.16
C1 OLC W . 19.89 -25.98 -9.88
C22 OLC W . 22.17 -24.73 -12.44
O19 OLC W . 20.50 -26.50 -9.01
O25 OLC W . 21.59 -24.63 -14.79
O23 OLC W . 22.20 -23.36 -12.16
O20 OLC W . 20.47 -25.85 -11.17
C1 OLA X . 23.07 -25.82 -6.78
O1 OLA X . 24.02 -25.57 -7.55
O2 OLA X . 23.10 -26.89 -6.13
C2 OLA X . 21.92 -24.86 -6.62
C3 OLA X . 21.30 -25.05 -5.24
C4 OLA X . 19.78 -25.20 -5.33
C5 OLA X . 19.14 -23.99 -5.99
C6 OLA X . 17.99 -23.46 -5.15
C7 OLA X . 16.65 -23.64 -5.86
C8 OLA X . 15.64 -22.58 -5.46
C9 OLA X . 14.48 -22.62 -6.43
C10 OLA X . 13.35 -21.70 -6.26
C11 OLA X . 12.82 -21.44 -4.86
C1 OLA Y . 0.99 -17.53 6.49
C2 OLA Y . 2.46 -17.27 6.78
C3 OLA Y . 3.30 -17.25 5.51
C4 OLA Y . 3.87 -18.63 5.23
C5 OLA Y . 5.12 -18.59 4.36
C6 OLA Y . 5.15 -19.87 3.56
C7 OLA Y . 6.40 -20.47 3.06
C8 OLA Y . 7.48 -19.60 2.42
C9 OLA Y . 7.86 -20.20 1.07
C10 OLA Y . 8.82 -21.37 1.17
C11 OLA Y . 9.90 -21.22 0.10
C12 OLA Y . 10.50 -22.56 -0.33
C13 OLA Y . 10.74 -22.57 -1.83
C14 OLA Y . 9.48 -22.15 -2.58
C15 OLA Y . 9.54 -22.57 -4.04
C1 OLA Z . -6.25 -19.40 -0.11
O1 OLA Z . -6.56 -18.48 -0.91
O2 OLA Z . -6.77 -19.42 1.03
C2 OLA Z . -5.24 -20.46 -0.53
C3 OLA Z . -4.56 -21.05 0.69
C4 OLA Z . -4.01 -22.45 0.41
C5 OLA Z . -2.96 -22.40 -0.69
C6 OLA Z . -1.57 -22.15 -0.14
C7 OLA Z . -0.52 -23.01 -0.83
C8 OLA Z . -0.25 -22.53 -2.25
C9 OLA Z . 1.16 -22.93 -2.66
C10 OLA Z . 1.89 -22.17 -3.69
C11 OLA Z . 1.44 -22.17 -5.13
C12 OLA Z . 2.18 -21.05 -5.87
C13 OLA Z . 2.72 -21.51 -7.21
C14 OLA Z . 4.23 -21.79 -7.13
C15 OLA Z . 4.95 -21.30 -8.39
C16 OLA Z . 6.27 -22.04 -8.61
C17 OLA Z . 7.14 -22.05 -7.36
C18 OLA Z . 8.44 -22.79 -7.64
C1 OLA AA . 35.77 -11.71 9.93
O1 OLA AA . 36.30 -10.85 9.22
O2 OLA AA . 36.49 -12.45 10.65
C2 OLA AA . 34.27 -11.88 9.95
C3 OLA AA . 33.81 -12.35 11.33
C4 OLA AA . 32.72 -11.44 11.89
C5 OLA AA . 32.39 -11.82 13.33
C6 OLA AA . 30.92 -11.58 13.63
C7 OLA AA . 30.71 -11.08 15.06
C8 OLA AA . 29.23 -11.11 15.42
C9 OLA AA . 28.95 -12.29 16.33
C10 OLA AA . 27.62 -12.89 16.37
C11 OLA AA . 26.36 -12.06 16.38
C12 OLA AA . 25.18 -12.94 16.78
C13 OLA AA . 23.88 -12.15 16.80
C1 OLA BA . 16.87 -2.92 -26.74
O1 OLA BA . 18.11 -2.91 -26.81
O2 OLA BA . 16.22 -3.49 -27.65
C2 OLA BA . 16.15 -2.26 -25.59
C3 OLA BA . 14.66 -2.17 -25.89
C4 OLA BA . 13.84 -2.48 -24.65
C5 OLA BA . 12.34 -2.34 -24.91
C6 OLA BA . 11.68 -1.46 -23.85
C7 OLA BA . 10.83 -2.28 -22.89
C8 OLA BA . 10.03 -1.39 -21.94
C9 OLA BA . 8.99 -2.23 -21.22
C10 OLA BA . 8.02 -1.62 -20.31
C11 OLA BA . 8.47 -1.01 -18.99
C12 OLA BA . 7.30 -0.29 -18.35
C13 OLA BA . 6.07 -1.20 -18.27
C10 OLC CA . 29.45 -7.15 13.80
C9 OLC CA . 30.12 -7.11 12.64
C8 OLC CA . 31.11 -7.68 11.60
C24 OLC CA . 37.42 -4.88 2.22
C7 OLC CA . 32.02 -6.53 11.08
C6 OLC CA . 32.24 -6.71 9.55
C5 OLC CA . 33.21 -7.90 9.29
C4 OLC CA . 33.07 -8.36 7.82
C3 OLC CA . 34.49 -8.59 7.21
C2 OLC CA . 34.86 -7.39 6.30
C21 OLC CA . 35.98 -6.12 3.86
C1 OLC CA . 36.26 -7.64 5.68
C22 OLC CA . 36.65 -6.17 2.49
O19 OLC CA . 36.83 -8.65 5.91
O25 OLC CA . 37.48 -4.64 0.82
O23 OLC CA . 37.55 -7.25 2.45
O20 OLC CA . 36.85 -6.67 4.84
C10 OLA DA . 8.59 7.91 -7.43
C11 OLA DA . 7.89 8.91 -6.52
C12 OLA DA . 7.24 8.18 -5.38
C13 OLA DA . 6.45 8.91 -4.38
C14 OLA DA . 7.11 9.73 -3.28
C15 OLA DA . 6.04 10.12 -2.27
C16 OLA DA . 6.55 9.96 -0.83
C17 OLA DA . 7.55 11.06 -0.49
C1 OLA EA . 2.76 -13.54 24.30
O1 OLA EA . 3.32 -12.98 25.27
O2 OLA EA . 1.52 -13.48 24.20
C2 OLA EA . 3.60 -14.27 23.27
C3 OLA EA . 3.85 -13.39 22.06
C4 OLA EA . 4.07 -14.23 20.81
C5 OLA EA . 4.81 -13.46 19.71
C6 OLA EA . 4.36 -12.00 19.64
C7 OLA EA . 4.26 -11.51 18.19
C8 OLA EA . 5.59 -11.65 17.47
C9 OLA EA . 6.52 -10.54 17.92
C10 OLA EA . 7.68 -10.19 17.10
C11 OLA EA . 8.26 -11.19 16.13
C12 OLA EA . 9.68 -10.78 15.75
C13 OLA EA . 10.64 -11.95 15.94
C14 OLA EA . 11.50 -12.20 14.70
C15 OLA EA . 12.98 -11.99 15.03
C16 OLA EA . 13.87 -12.71 14.02
NA NA FA . 10.08 -3.52 2.31
#